data_6KKG
#
_entry.id   6KKG
#
_cell.length_a   55.715
_cell.length_b   55.715
_cell.length_c   74.696
_cell.angle_alpha   90.000
_cell.angle_beta   90.000
_cell.angle_gamma   120.000
#
_symmetry.space_group_name_H-M   'P 32'
#
loop_
_entity.id
_entity.type
_entity.pdbx_description
1 polymer 'Membrane-associated guanylate kinase, WW and PDZ domain-containing protein 2'
2 polymer 'Peptide from Dendrin'
3 water water
#
loop_
_entity_poly.entity_id
_entity_poly.type
_entity_poly.pdbx_seq_one_letter_code
_entity_poly.pdbx_strand_id
1 'polypeptide(L)'
;GPGSEENEDSDPLPDNWEMAYTEKGEVYFIDHNTKTTSWLDPRLAKKAKPPEECKENELPYGWEKIDDPIYGTYYVDHIN
RRTQFENPVLEAKRKLQQHN
;
A,B
2 'polypeptide(L)' GPGSDRPPPYVAPPSYEGPHRTLG C,D
#
# COMPACT_ATOMS: atom_id res chain seq x y z
N ASP A 11 2.40 2.66 -24.48
CA ASP A 11 3.66 2.50 -23.73
C ASP A 11 4.31 3.76 -23.09
N PRO A 12 3.77 4.97 -23.34
CA PRO A 12 4.66 6.06 -22.89
C PRO A 12 4.49 6.43 -21.42
N LEU A 13 5.60 6.82 -20.79
CA LEU A 13 5.64 7.32 -19.42
C LEU A 13 4.81 8.58 -19.23
N PRO A 14 4.42 8.87 -17.98
CA PRO A 14 3.74 10.14 -17.69
C PRO A 14 4.67 11.33 -17.91
N ASP A 15 4.12 12.54 -17.84
CA ASP A 15 4.89 13.76 -18.06
C ASP A 15 6.04 13.90 -17.05
N ASN A 16 7.22 14.24 -17.55
CA ASN A 16 8.42 14.42 -16.74
C ASN A 16 8.86 13.16 -16.02
N TRP A 17 8.64 12.01 -16.65
CA TRP A 17 9.22 10.75 -16.23
C TRP A 17 10.23 10.26 -17.26
N GLU A 18 11.35 9.71 -16.79
CA GLU A 18 12.27 9.01 -17.69
C GLU A 18 12.47 7.59 -17.18
N MET A 19 12.71 6.64 -18.07
CA MET A 19 13.16 5.35 -17.59
C MET A 19 14.66 5.29 -17.78
N ALA A 20 15.34 4.48 -16.97
CA ALA A 20 16.79 4.39 -17.03
C ALA A 20 17.27 2.98 -16.72
N TYR A 21 18.53 2.70 -17.01
CA TYR A 21 19.11 1.40 -16.70
C TYR A 21 20.18 1.54 -15.64
N THR A 22 20.19 0.62 -14.68
CA THR A 22 21.31 0.57 -13.74
C THR A 22 22.56 0.13 -14.48
N GLU A 23 23.67 0.05 -13.77
CA GLU A 23 24.92 -0.44 -14.35
C GLU A 23 24.75 -1.86 -14.87
N LYS A 24 23.91 -2.65 -14.22
CA LYS A 24 23.66 -4.03 -14.63
C LYS A 24 22.65 -4.13 -15.77
N GLY A 25 21.99 -3.02 -16.08
CA GLY A 25 20.92 -3.09 -17.06
C GLY A 25 19.60 -3.49 -16.42
N GLU A 26 19.35 -2.99 -15.21
CA GLU A 26 18.05 -3.17 -14.62
C GLU A 26 17.22 -1.89 -14.83
N VAL A 27 15.96 -2.07 -15.20
CA VAL A 27 15.11 -0.91 -15.46
C VAL A 27 14.63 -0.31 -14.13
N TYR A 28 14.68 1.02 -14.06
CA TYR A 28 14.00 1.78 -13.00
C TYR A 28 13.45 3.07 -13.56
N PHE A 29 12.69 3.79 -12.73
CA PHE A 29 11.93 4.94 -13.22
C PHE A 29 12.27 6.21 -12.47
N ILE A 30 12.36 7.29 -13.22
CA ILE A 30 12.74 8.57 -12.65
C ILE A 30 11.55 9.51 -12.71
N ASP A 31 11.10 9.98 -11.56
CA ASP A 31 9.98 10.91 -11.49
C ASP A 31 10.47 12.33 -11.26
N HIS A 32 10.62 13.10 -12.33
CA HIS A 32 11.10 14.48 -12.19
C HIS A 32 10.07 15.40 -11.53
N ASN A 33 8.81 14.97 -11.42
CA ASN A 33 7.79 15.77 -10.76
C ASN A 33 8.04 15.84 -9.26
N THR A 34 8.49 14.73 -8.69
CA THR A 34 8.79 14.64 -7.27
C THR A 34 10.28 14.43 -6.94
N LYS A 35 11.15 14.43 -7.94
CA LYS A 35 12.59 14.24 -7.72
C LYS A 35 12.91 12.94 -7.00
N THR A 36 12.19 11.87 -7.35
CA THR A 36 12.41 10.57 -6.74
C THR A 36 12.65 9.51 -7.81
N THR A 37 13.28 8.39 -7.44
CA THR A 37 13.34 7.23 -8.34
C THR A 37 12.62 6.03 -7.70
N SER A 38 12.13 5.13 -8.53
CA SER A 38 11.41 3.94 -8.07
C SER A 38 11.62 2.77 -9.01
N TRP A 39 11.53 1.56 -8.45
CA TRP A 39 11.50 0.35 -9.26
C TRP A 39 10.14 0.15 -9.92
N LEU A 40 9.10 0.77 -9.35
CA LEU A 40 7.72 0.62 -9.81
C LEU A 40 7.42 1.43 -11.08
N ASP A 41 6.88 0.76 -12.08
CA ASP A 41 6.45 1.38 -13.34
C ASP A 41 5.13 2.11 -13.16
N PRO A 42 5.09 3.44 -13.34
CA PRO A 42 3.81 4.13 -13.15
C PRO A 42 2.74 3.72 -14.16
N ARG A 43 3.15 3.12 -15.28
CA ARG A 43 2.21 2.70 -16.32
C ARG A 43 1.46 1.46 -15.89
N LEU A 44 2.09 0.69 -15.04
CA LEU A 44 1.59 -0.61 -14.63
C LEU A 44 0.86 -0.56 -13.31
N ALA A 45 0.61 0.65 -12.82
CA ALA A 45 0.02 0.83 -11.50
C ALA A 45 -1.32 0.09 -11.41
N LYS A 46 -1.30 -1.06 -10.73
CA LYS A 46 -2.49 -1.91 -10.52
C LYS A 46 -3.41 -1.39 -9.42
N LYS A 47 -4.63 -1.93 -9.38
CA LYS A 47 -5.54 -1.63 -8.29
C LYS A 47 -4.93 -2.23 -7.04
N ALA A 48 -4.92 -1.48 -5.96
CA ALA A 48 -4.40 -2.01 -4.72
C ALA A 48 -5.55 -2.69 -4.02
N LYS A 49 -5.20 -3.60 -3.13
CA LYS A 49 -6.19 -4.20 -2.27
C LYS A 49 -5.53 -4.55 -0.95
N PRO A 50 -6.29 -4.42 0.14
CA PRO A 50 -5.95 -4.97 1.46
C PRO A 50 -5.33 -6.35 1.30
N PRO A 51 -4.16 -6.56 1.92
CA PRO A 51 -3.49 -7.85 1.71
C PRO A 51 -4.37 -9.06 2.10
N GLU A 52 -5.24 -8.90 3.09
CA GLU A 52 -5.99 -10.06 3.53
C GLU A 52 -7.07 -10.43 2.49
N GLU A 53 -7.20 -9.62 1.45
CA GLU A 53 -8.22 -9.88 0.42
C GLU A 53 -7.61 -10.59 -0.79
N CYS A 54 -6.31 -10.76 -0.79
CA CYS A 54 -5.64 -11.51 -1.83
C CYS A 54 -5.86 -13.02 -1.68
N LYS A 55 -5.68 -13.71 -2.79
CA LYS A 55 -5.82 -15.15 -2.87
C LYS A 55 -4.50 -15.86 -2.81
N GLU A 56 -4.48 -17.09 -3.30
CA GLU A 56 -3.35 -17.99 -3.11
C GLU A 56 -2.31 -17.74 -4.16
N ASN A 57 -1.11 -17.42 -3.72
CA ASN A 57 -0.03 -17.00 -4.60
C ASN A 57 -0.22 -15.58 -5.13
N GLU A 58 -1.21 -14.91 -4.61
CA GLU A 58 -1.41 -13.53 -4.96
C GLU A 58 -0.72 -12.61 -3.95
N LEU A 59 -0.01 -11.62 -4.48
CA LEU A 59 0.54 -10.54 -3.68
C LEU A 59 -0.16 -9.21 -4.02
N PRO A 60 -0.29 -8.32 -3.02
CA PRO A 60 -0.85 -7.01 -3.38
C PRO A 60 0.14 -6.23 -4.24
N TYR A 61 -0.37 -5.21 -4.93
CA TYR A 61 0.45 -4.34 -5.75
C TYR A 61 1.60 -3.78 -4.94
N GLY A 62 2.78 -3.74 -5.52
CA GLY A 62 3.93 -3.17 -4.85
C GLY A 62 4.86 -4.22 -4.27
N TRP A 63 4.30 -5.38 -3.99
CA TRP A 63 5.06 -6.44 -3.33
C TRP A 63 5.74 -7.38 -4.31
N GLU A 64 6.87 -7.92 -3.89
CA GLU A 64 7.64 -8.87 -4.71
C GLU A 64 8.24 -9.94 -3.80
N LYS A 65 8.08 -11.20 -4.18
CA LYS A 65 8.62 -12.33 -3.44
C LYS A 65 10.02 -12.68 -3.92
N ILE A 66 10.97 -12.66 -3.01
CA ILE A 66 12.36 -12.93 -3.34
C ILE A 66 12.80 -14.24 -2.73
N ASP A 67 13.25 -15.18 -3.56
CA ASP A 67 13.76 -16.45 -3.04
C ASP A 67 15.30 -16.41 -3.08
N ASP A 68 15.87 -15.83 -2.03
CA ASP A 68 17.30 -15.63 -1.91
C ASP A 68 18.07 -16.91 -1.55
N PRO A 69 18.99 -17.32 -2.43
CA PRO A 69 19.81 -18.52 -2.18
C PRO A 69 20.65 -18.46 -0.89
N ILE A 70 21.00 -17.27 -0.43
CA ILE A 70 21.67 -17.16 0.86
C ILE A 70 20.69 -17.11 2.02
N TYR A 71 19.71 -16.22 1.96
CA TYR A 71 18.87 -15.94 3.12
C TYR A 71 17.50 -16.58 3.05
N GLY A 72 17.21 -17.20 1.92
CA GLY A 72 15.92 -17.82 1.76
C GLY A 72 14.87 -16.85 1.29
N THR A 73 13.64 -17.33 1.28
CA THR A 73 12.51 -16.53 0.85
C THR A 73 12.27 -15.31 1.73
N TYR A 74 12.15 -14.16 1.10
CA TYR A 74 11.58 -13.02 1.80
C TYR A 74 10.77 -12.17 0.85
N TYR A 75 10.14 -11.16 1.43
CA TYR A 75 9.17 -10.37 0.71
C TYR A 75 9.57 -8.91 0.71
N VAL A 76 9.49 -8.30 -0.47
CA VAL A 76 9.88 -6.92 -0.66
C VAL A 76 8.67 -6.07 -0.98
N ASP A 77 8.49 -4.99 -0.24
CA ASP A 77 7.41 -4.04 -0.49
C ASP A 77 8.02 -2.76 -1.10
N HIS A 78 7.71 -2.50 -2.36
CA HIS A 78 8.35 -1.39 -3.04
C HIS A 78 7.64 -0.08 -2.77
N ILE A 79 6.50 -0.17 -2.13
CA ILE A 79 5.76 1.05 -1.85
C ILE A 79 6.29 1.66 -0.55
N ASN A 80 6.42 0.84 0.48
CA ASN A 80 6.97 1.26 1.78
C ASN A 80 8.50 1.16 1.88
N ARG A 81 9.12 0.54 0.88
CA ARG A 81 10.56 0.24 0.87
C ARG A 81 10.99 -0.54 2.10
N ARG A 82 10.28 -1.65 2.33
CA ARG A 82 10.46 -2.52 3.49
C ARG A 82 10.74 -3.95 3.03
N THR A 83 11.46 -4.73 3.84
CA THR A 83 11.56 -6.17 3.61
C THR A 83 11.10 -6.92 4.87
N GLN A 84 10.53 -8.11 4.67
CA GLN A 84 10.07 -8.96 5.77
C GLN A 84 10.03 -10.44 5.34
N PHE A 85 10.02 -11.32 6.34
CA PHE A 85 10.00 -12.75 6.07
C PHE A 85 8.59 -13.32 5.86
N GLU A 86 7.64 -12.82 6.63
CA GLU A 86 6.31 -13.40 6.54
C GLU A 86 5.71 -12.97 5.22
N ASN A 87 5.08 -13.90 4.51
CA ASN A 87 4.22 -13.52 3.39
C ASN A 87 3.14 -12.54 3.91
N PRO A 88 3.03 -11.34 3.29
CA PRO A 88 2.17 -10.29 3.86
C PRO A 88 0.66 -10.59 3.78
N VAL A 89 0.26 -11.32 2.76
CA VAL A 89 -1.12 -11.80 2.68
C VAL A 89 -1.44 -12.77 3.83
N LEU A 90 -0.50 -13.66 4.12
CA LEU A 90 -0.74 -14.68 5.14
C LEU A 90 -0.69 -14.03 6.52
N GLU A 91 0.12 -12.97 6.62
CA GLU A 91 0.27 -12.27 7.88
C GLU A 91 -1.02 -11.54 8.21
N ALA A 92 -1.59 -10.86 7.23
CA ALA A 92 -2.82 -10.10 7.45
C ALA A 92 -3.95 -11.07 7.77
N LYS A 93 -3.98 -12.19 7.06
CA LYS A 93 -4.99 -13.22 7.29
C LYS A 93 -4.82 -13.83 8.68
N ARG A 94 -3.58 -14.07 9.05
CA ARG A 94 -3.26 -14.61 10.37
C ARG A 94 -3.74 -13.67 11.46
N LYS A 95 -3.34 -12.41 11.35
CA LYS A 95 -3.58 -11.44 12.39
C LYS A 95 -5.05 -11.06 12.50
N LEU A 96 -5.81 -11.27 11.44
CA LEU A 96 -7.25 -11.04 11.47
C LEU A 96 -8.01 -12.25 12.02
N GLN A 97 -7.32 -13.10 12.78
CA GLN A 97 -7.96 -14.21 13.47
C GLN A 97 -7.96 -13.99 14.98
N ASP B 11 -21.37 0.24 -9.54
CA ASP B 11 -22.35 0.19 -8.46
C ASP B 11 -22.48 -1.21 -7.79
N PRO B 12 -22.36 -2.31 -8.55
CA PRO B 12 -22.57 -3.55 -7.79
C PRO B 12 -21.30 -4.16 -7.16
N LEU B 13 -21.43 -4.68 -5.94
CA LEU B 13 -20.33 -5.36 -5.24
C LEU B 13 -19.90 -6.63 -5.96
N PRO B 14 -18.59 -6.92 -5.95
CA PRO B 14 -18.05 -8.16 -6.51
C PRO B 14 -18.66 -9.39 -5.85
N ASP B 15 -18.51 -10.55 -6.47
CA ASP B 15 -19.12 -11.78 -5.97
C ASP B 15 -18.71 -12.13 -4.54
N ASN B 16 -19.69 -12.57 -3.75
CA ASN B 16 -19.52 -13.00 -2.37
C ASN B 16 -19.17 -11.86 -1.40
N TRP B 17 -19.47 -10.63 -1.81
CA TRP B 17 -19.33 -9.46 -0.92
C TRP B 17 -20.69 -8.92 -0.47
N GLU B 18 -20.74 -8.39 0.75
CA GLU B 18 -21.92 -7.64 1.22
C GLU B 18 -21.48 -6.29 1.79
N MET B 19 -22.31 -5.28 1.63
CA MET B 19 -22.12 -4.04 2.37
C MET B 19 -22.89 -4.17 3.67
N ALA B 20 -22.42 -3.50 4.73
CA ALA B 20 -23.16 -3.54 6.00
C ALA B 20 -23.06 -2.22 6.76
N TYR B 21 -23.93 -2.03 7.75
CA TYR B 21 -23.90 -0.82 8.56
C TYR B 21 -23.53 -1.16 10.00
N THR B 22 -22.66 -0.34 10.59
CA THR B 22 -22.39 -0.44 12.01
C THR B 22 -23.61 0.03 12.77
N GLU B 23 -23.59 -0.13 14.09
CA GLU B 23 -24.67 0.36 14.94
C GLU B 23 -24.93 1.84 14.71
N LYS B 24 -23.88 2.59 14.42
CA LYS B 24 -24.02 4.04 14.22
C LYS B 24 -24.39 4.44 12.79
N GLY B 25 -24.40 3.48 11.87
CA GLY B 25 -24.75 3.79 10.49
C GLY B 25 -23.55 4.06 9.59
N GLU B 26 -22.42 3.49 9.96
CA GLU B 26 -21.25 3.64 9.11
C GLU B 26 -21.14 2.45 8.20
N VAL B 27 -20.92 2.70 6.91
CA VAL B 27 -20.77 1.62 5.95
C VAL B 27 -19.42 0.90 6.07
N TYR B 28 -19.47 -0.43 6.04
CA TYR B 28 -18.27 -1.26 5.82
C TYR B 28 -18.62 -2.43 4.93
N PHE B 29 -17.58 -3.18 4.55
CA PHE B 29 -17.70 -4.19 3.50
C PHE B 29 -17.28 -5.56 3.99
N ILE B 30 -18.08 -6.55 3.66
CA ILE B 30 -17.84 -7.91 4.10
C ILE B 30 -17.36 -8.74 2.92
N ASP B 31 -16.19 -9.35 3.08
CA ASP B 31 -15.63 -10.17 2.02
C ASP B 31 -15.71 -11.62 2.41
N HIS B 32 -16.80 -12.28 2.01
CA HIS B 32 -16.97 -13.69 2.34
C HIS B 32 -15.95 -14.58 1.66
N ASN B 33 -15.31 -14.09 0.59
CA ASN B 33 -14.26 -14.85 -0.09
C ASN B 33 -13.07 -15.08 0.83
N THR B 34 -12.73 -14.07 1.63
CA THR B 34 -11.59 -14.17 2.52
C THR B 34 -11.96 -14.16 4.00
N LYS B 35 -13.26 -14.15 4.31
CA LYS B 35 -13.73 -14.10 5.69
C LYS B 35 -13.13 -12.92 6.46
N THR B 36 -13.17 -11.75 5.84
CA THR B 36 -12.65 -10.54 6.48
C THR B 36 -13.63 -9.39 6.32
N THR B 37 -13.46 -8.35 7.12
CA THR B 37 -14.18 -7.10 6.90
C THR B 37 -13.20 -5.95 6.69
N SER B 38 -13.63 -4.94 5.95
CA SER B 38 -12.79 -3.78 5.68
C SER B 38 -13.62 -2.54 5.55
N TRP B 39 -13.02 -1.40 5.87
CA TRP B 39 -13.63 -0.11 5.62
C TRP B 39 -13.55 0.24 4.14
N LEU B 40 -12.70 -0.45 3.38
CA LEU B 40 -12.46 -0.07 1.99
C LEU B 40 -13.45 -0.73 1.02
N ASP B 41 -14.03 0.12 0.18
CA ASP B 41 -14.96 -0.29 -0.88
C ASP B 41 -14.21 -0.89 -2.07
N PRO B 42 -14.36 -2.21 -2.29
CA PRO B 42 -13.60 -2.82 -3.39
C PRO B 42 -13.91 -2.18 -4.75
N ARG B 43 -15.08 -1.60 -4.89
CA ARG B 43 -15.46 -0.86 -6.09
C ARG B 43 -14.62 0.36 -6.34
N LEU B 44 -14.24 1.01 -5.29
CA LEU B 44 -13.52 2.24 -5.38
C LEU B 44 -12.09 2.02 -5.43
N ALA B 45 -11.65 0.78 -5.46
CA ALA B 45 -10.22 0.51 -5.44
C ALA B 45 -9.71 1.13 -6.73
N LYS B 46 -8.54 1.73 -6.63
CA LYS B 46 -7.89 2.41 -7.72
C LYS B 46 -6.41 2.54 -7.51
N LYS B 47 -5.76 3.30 -8.37
CA LYS B 47 -4.35 3.18 -8.60
C LYS B 47 -3.57 3.50 -7.38
N ALA B 48 -2.62 2.66 -7.06
CA ALA B 48 -1.79 2.84 -5.96
C ALA B 48 -0.57 3.51 -6.49
N LYS B 49 0.03 4.36 -5.70
CA LYS B 49 1.31 4.96 -6.05
C LYS B 49 2.18 5.06 -4.81
N PRO B 50 3.50 4.91 -4.99
CA PRO B 50 4.48 5.22 -3.95
C PRO B 50 4.15 6.57 -3.29
N PRO B 51 4.15 6.61 -1.95
CA PRO B 51 3.71 7.87 -1.34
C PRO B 51 4.60 9.06 -1.75
N GLU B 52 5.87 8.84 -2.06
CA GLU B 52 6.71 9.97 -2.45
C GLU B 52 6.33 10.50 -3.85
N GLU B 53 5.39 9.84 -4.52
CA GLU B 53 4.98 10.27 -5.84
C GLU B 53 3.68 11.06 -5.79
N CYS B 54 3.07 11.19 -4.62
CA CYS B 54 1.92 12.03 -4.46
C CYS B 54 2.25 13.52 -4.42
N LYS B 55 1.30 14.33 -4.82
CA LYS B 55 1.39 15.77 -4.72
C LYS B 55 0.79 16.37 -3.44
N GLU B 56 0.56 17.68 -3.47
CA GLU B 56 0.12 18.46 -2.31
C GLU B 56 -1.32 18.19 -1.94
N ASN B 57 -1.52 17.78 -0.69
CA ASN B 57 -2.83 17.42 -0.16
C ASN B 57 -3.33 16.16 -0.83
N GLU B 58 -2.42 15.41 -1.44
CA GLU B 58 -2.77 14.10 -1.96
C GLU B 58 -2.30 13.01 -0.99
N LEU B 59 -3.17 12.03 -0.77
CA LEU B 59 -2.79 10.82 -0.05
C LEU B 59 -2.82 9.61 -1.02
N PRO B 60 -1.99 8.60 -0.75
CA PRO B 60 -2.04 7.35 -1.51
C PRO B 60 -3.35 6.65 -1.20
N TYR B 61 -3.79 5.79 -2.11
CA TYR B 61 -4.97 4.98 -1.88
C TYR B 61 -4.84 4.26 -0.55
N GLY B 62 -5.92 4.24 0.23
CA GLY B 62 -5.92 3.50 1.47
C GLY B 62 -5.72 4.37 2.68
N TRP B 63 -5.18 5.56 2.48
CA TRP B 63 -4.91 6.46 3.62
C TRP B 63 -6.04 7.42 3.89
N GLU B 64 -6.07 7.94 5.10
CA GLU B 64 -7.11 8.87 5.52
C GLU B 64 -6.54 9.85 6.54
N LYS B 65 -6.81 11.12 6.38
CA LYS B 65 -6.38 12.13 7.29
C LYS B 65 -7.43 12.39 8.31
N ILE B 66 -7.10 12.22 9.56
CA ILE B 66 -8.05 12.43 10.61
C ILE B 66 -7.63 13.57 11.48
N ASP B 67 -8.50 14.57 11.56
CA ASP B 67 -8.27 15.70 12.42
C ASP B 67 -8.98 15.67 13.78
N ASP B 68 -8.58 14.76 14.65
CA ASP B 68 -9.18 14.57 15.93
C ASP B 68 -9.02 15.77 16.90
N PRO B 69 -10.15 16.25 17.41
CA PRO B 69 -10.14 17.40 18.33
C PRO B 69 -9.45 17.09 19.67
N ILE B 70 -9.37 15.82 20.05
CA ILE B 70 -8.66 15.45 21.26
C ILE B 70 -7.18 15.23 21.01
N TYR B 71 -6.87 14.37 20.05
CA TYR B 71 -5.49 13.91 19.89
C TYR B 71 -4.76 14.59 18.74
N GLY B 72 -5.44 15.52 18.08
CA GLY B 72 -4.85 16.24 16.97
C GLY B 72 -4.96 15.50 15.66
N THR B 73 -4.31 16.06 14.64
CA THR B 73 -4.27 15.47 13.32
C THR B 73 -3.44 14.18 13.30
N TYR B 74 -4.00 13.12 12.75
CA TYR B 74 -3.19 11.94 12.46
C TYR B 74 -3.69 11.26 11.19
N TYR B 75 -2.95 10.23 10.78
CA TYR B 75 -3.13 9.60 9.49
C TYR B 75 -3.43 8.13 9.67
N VAL B 76 -4.42 7.64 8.95
CA VAL B 76 -4.85 6.26 9.08
C VAL B 76 -4.61 5.53 7.79
N ASP B 77 -3.99 4.37 7.88
CA ASP B 77 -3.73 3.51 6.73
C ASP B 77 -4.64 2.28 6.82
N HIS B 78 -5.68 2.24 5.99
CA HIS B 78 -6.66 1.16 6.03
C HIS B 78 -6.15 -0.11 5.37
N ILE B 79 -5.05 -0.01 4.65
CA ILE B 79 -4.56 -1.19 3.96
C ILE B 79 -3.74 -2.02 4.93
N ASN B 80 -2.86 -1.38 5.68
CA ASN B 80 -2.06 -2.09 6.68
C ASN B 80 -2.58 -1.97 8.10
N ARG B 81 -3.64 -1.18 8.27
CA ARG B 81 -4.35 -1.01 9.55
C ARG B 81 -3.44 -0.41 10.61
N ARG B 82 -2.78 0.68 10.22
CA ARG B 82 -1.85 1.41 11.07
C ARG B 82 -2.33 2.86 11.27
N THR B 83 -1.81 3.52 12.30
CA THR B 83 -2.02 4.96 12.46
C THR B 83 -0.67 5.60 12.77
N GLN B 84 -0.50 6.85 12.32
CA GLN B 84 0.75 7.58 12.51
C GLN B 84 0.52 9.09 12.48
N PHE B 85 1.44 9.85 13.06
CA PHE B 85 1.31 11.30 13.11
C PHE B 85 1.84 11.98 11.85
N GLU B 86 2.92 11.45 11.29
CA GLU B 86 3.51 12.11 10.13
C GLU B 86 2.65 11.84 8.89
N ASN B 87 2.40 12.89 8.13
CA ASN B 87 1.81 12.70 6.82
C ASN B 87 2.72 11.73 6.03
N PRO B 88 2.15 10.64 5.47
CA PRO B 88 2.99 9.59 4.87
C PRO B 88 3.67 10.02 3.55
N VAL B 89 3.06 10.97 2.87
CA VAL B 89 3.64 11.54 1.67
C VAL B 89 4.86 12.39 2.03
N LEU B 90 4.73 13.23 3.06
CA LEU B 90 5.85 14.05 3.49
C LEU B 90 6.97 13.21 4.11
N GLU B 91 6.59 12.13 4.81
CA GLU B 91 7.56 11.26 5.44
C GLU B 91 8.40 10.58 4.37
N ALA B 92 7.76 10.09 3.32
CA ALA B 92 8.50 9.41 2.25
C ALA B 92 9.44 10.39 1.55
N LYS B 93 8.93 11.58 1.28
CA LYS B 93 9.71 12.64 0.62
C LYS B 93 10.90 13.06 1.49
N ARG B 94 10.63 13.26 2.78
CA ARG B 94 11.67 13.58 3.75
C ARG B 94 12.76 12.52 3.77
N LYS B 95 12.33 11.26 3.80
CA LYS B 95 13.26 10.17 4.05
C LYS B 95 14.11 9.81 2.86
N LEU B 96 13.64 10.12 1.65
CA LEU B 96 14.42 9.81 0.46
C LEU B 96 15.47 10.88 0.15
N GLN B 97 15.62 11.84 1.07
CA GLN B 97 16.70 12.82 1.01
C GLN B 97 17.23 13.11 2.40
N ASP C 5 15.72 -12.57 13.34
CA ASP C 5 16.53 -11.98 12.28
C ASP C 5 15.79 -10.91 11.51
N ARG C 6 16.53 -10.14 10.73
CA ARG C 6 15.92 -9.26 9.74
C ARG C 6 16.35 -9.81 8.39
N PRO C 7 15.47 -9.71 7.38
CA PRO C 7 15.80 -10.08 6.02
C PRO C 7 16.75 -9.05 5.44
N PRO C 8 17.30 -9.31 4.24
CA PRO C 8 18.16 -8.31 3.62
C PRO C 8 17.48 -6.95 3.55
N PRO C 9 18.24 -5.88 3.74
CA PRO C 9 17.68 -4.52 3.70
C PRO C 9 17.11 -4.22 2.32
N TYR C 10 16.20 -3.25 2.25
CA TYR C 10 15.64 -2.82 0.98
C TYR C 10 16.72 -2.23 0.08
N VAL C 11 16.80 -2.73 -1.16
CA VAL C 11 17.68 -2.16 -2.17
C VAL C 11 16.90 -1.19 -3.08
N ALA C 12 17.19 0.09 -2.96
CA ALA C 12 16.56 1.13 -3.77
C ALA C 12 17.21 1.27 -5.17
N PRO C 13 16.49 1.90 -6.13
CA PRO C 13 17.14 2.25 -7.39
C PRO C 13 18.16 3.36 -7.15
N PRO C 14 18.97 3.72 -8.16
CA PRO C 14 19.90 4.83 -7.93
C PRO C 14 19.15 6.10 -7.51
N SER C 15 19.77 6.89 -6.64
CA SER C 15 19.09 8.06 -6.14
C SER C 15 18.85 9.05 -7.27
N TYR C 16 17.82 9.84 -7.14
CA TYR C 16 17.47 10.79 -8.11
C TYR C 16 18.57 11.81 -8.36
N GLU C 17 19.24 12.23 -7.32
CA GLU C 17 20.17 13.31 -7.39
C GLU C 17 21.47 12.78 -7.89
N GLY C 18 21.58 12.64 -9.18
CA GLY C 18 22.76 12.10 -9.76
C GLY C 18 22.60 11.72 -11.21
N PRO C 19 23.59 11.05 -11.75
CA PRO C 19 23.61 10.70 -13.17
C PRO C 19 22.87 9.41 -13.48
N HIS C 20 22.02 9.43 -14.49
CA HIS C 20 21.27 8.23 -14.87
C HIS C 20 21.53 7.83 -16.32
N ARG C 21 21.50 6.52 -16.56
CA ARG C 21 21.55 6.02 -17.93
C ARG C 21 20.16 6.07 -18.54
N THR C 22 19.74 7.27 -18.94
CA THR C 22 18.47 7.44 -19.62
C THR C 22 18.65 7.09 -21.09
N LEU C 23 18.58 5.80 -21.40
CA LEU C 23 18.89 5.30 -22.72
C LEU C 23 17.68 4.68 -23.41
N GLY C 24 16.50 4.84 -22.79
CA GLY C 24 15.27 4.25 -23.27
C GLY C 24 14.92 4.65 -24.70
N ASP D 5 5.08 9.56 21.43
CA ASP D 5 3.67 9.18 21.55
C ASP D 5 3.19 8.34 20.40
N ARG D 6 2.07 7.66 20.62
CA ARG D 6 1.40 6.95 19.56
C ARG D 6 0.06 7.61 19.38
N PRO D 7 -0.38 7.72 18.13
CA PRO D 7 -1.72 8.21 17.81
C PRO D 7 -2.77 7.23 18.29
N PRO D 8 -4.04 7.60 18.18
CA PRO D 8 -5.06 6.61 18.47
C PRO D 8 -4.86 5.34 17.64
N PRO D 9 -5.16 4.19 18.25
CA PRO D 9 -5.01 2.90 17.56
C PRO D 9 -5.99 2.75 16.40
N TYR D 10 -5.62 1.96 15.41
CA TYR D 10 -6.50 1.70 14.29
C TYR D 10 -7.85 1.16 14.74
N VAL D 11 -8.94 1.68 14.16
CA VAL D 11 -10.27 1.16 14.46
C VAL D 11 -10.85 0.33 13.28
N ALA D 12 -10.85 -1.00 13.44
CA ALA D 12 -11.37 -1.88 12.41
C ALA D 12 -12.90 -1.85 12.36
N PRO D 13 -13.50 -2.25 11.23
CA PRO D 13 -14.95 -2.49 11.21
C PRO D 13 -15.29 -3.70 12.07
N PRO D 14 -16.58 -4.02 12.25
CA PRO D 14 -16.93 -5.23 13.02
C PRO D 14 -16.26 -6.48 12.46
N SER D 15 -15.87 -7.41 13.32
CA SER D 15 -15.18 -8.59 12.84
C SER D 15 -16.13 -9.44 12.01
N TYR D 16 -15.57 -10.19 11.12
CA TYR D 16 -16.31 -11.01 10.23
C TYR D 16 -17.15 -12.09 10.89
N GLU D 17 -16.66 -12.66 11.95
CA GLU D 17 -17.30 -13.75 12.59
C GLU D 17 -18.25 -13.11 13.51
N GLY D 18 -19.49 -13.03 13.10
CA GLY D 18 -20.50 -12.41 13.90
C GLY D 18 -21.60 -11.83 13.05
N PRO D 19 -22.55 -11.19 13.72
CA PRO D 19 -23.76 -10.66 13.10
C PRO D 19 -23.54 -9.29 12.45
N HIS D 20 -24.13 -9.11 11.28
CA HIS D 20 -23.94 -7.87 10.55
C HIS D 20 -25.27 -7.29 10.07
N ARG D 21 -25.38 -5.97 10.09
CA ARG D 21 -26.53 -5.31 9.50
C ARG D 21 -26.31 -5.23 8.02
N THR D 22 -26.54 -6.34 7.33
CA THR D 22 -26.45 -6.37 5.87
C THR D 22 -27.77 -5.88 5.29
N LEU D 23 -28.02 -4.59 5.45
CA LEU D 23 -29.31 -3.99 5.10
C LEU D 23 -29.30 -3.31 3.75
N GLY D 24 -28.25 -3.56 2.97
CA GLY D 24 -28.08 -2.95 1.66
C GLY D 24 -29.14 -3.37 0.65
#